data_9J8L
#
_entry.id   9J8L
#
_cell.length_a   81.728
_cell.length_b   81.728
_cell.length_c   219.227
_cell.angle_alpha   90.00
_cell.angle_beta   90.00
_cell.angle_gamma   120.00
#
_symmetry.space_group_name_H-M   'P 65 2 2'
#
loop_
_entity.id
_entity.type
_entity.pdbx_description
1 polymer 'Guanylate kinase'
2 non-polymer GLYCEROL
3 water water
#
_entity_poly.entity_id   1
_entity_poly.type   'polypeptide(L)'
_entity_poly.pdbx_seq_one_letter_code
;HMSGPRPVVLSGPSGAGKSTLLKRLLQEHSGIFGFSVSHTTRNPRPGEENGKDYYFVTREVMQRDIAAGDFIEHAEFSGN
LYGTSKVAVQAVQAMNRICVLDVDLQGVRNIKATDLRPIYISVQPPSLHVLEQRLRQRNTETEESLVKRLAAAQADMESS
KEPGLFDVVIINDSLDQAYAELKEALSEEIKKAQRTGA
;
_entity_poly.pdbx_strand_id   A,B
#
loop_
_chem_comp.id
_chem_comp.type
_chem_comp.name
_chem_comp.formula
GOL non-polymer GLYCEROL 'C3 H8 O3'
#
# COMPACT_ATOMS: atom_id res chain seq x y z
N SER A 3 19.21 -22.74 -12.12
CA SER A 3 19.83 -21.47 -12.52
C SER A 3 18.88 -20.29 -12.33
N GLY A 4 19.18 -19.19 -13.03
CA GLY A 4 18.38 -18.00 -12.96
C GLY A 4 19.08 -16.85 -12.25
N PRO A 5 18.96 -15.65 -12.81
CA PRO A 5 19.57 -14.47 -12.17
C PRO A 5 18.95 -14.15 -10.82
N ARG A 6 19.81 -13.89 -9.83
CA ARG A 6 19.36 -13.62 -8.49
C ARG A 6 18.55 -12.32 -8.44
N PRO A 7 17.53 -12.25 -7.59
CA PRO A 7 16.80 -11.00 -7.41
C PRO A 7 17.69 -9.91 -6.80
N VAL A 8 17.19 -8.68 -6.80
CA VAL A 8 17.91 -7.53 -6.26
C VAL A 8 17.00 -6.79 -5.28
N VAL A 9 17.43 -6.67 -4.04
CA VAL A 9 16.75 -5.84 -3.04
C VAL A 9 17.52 -4.53 -2.93
N LEU A 10 16.89 -3.44 -3.38
CA LEU A 10 17.48 -2.11 -3.35
C LEU A 10 16.77 -1.31 -2.26
N SER A 11 17.53 -0.86 -1.26
CA SER A 11 16.92 -0.15 -0.16
C SER A 11 17.70 1.12 0.17
N GLY A 12 17.32 1.78 1.26
CA GLY A 12 17.97 3.00 1.67
C GLY A 12 16.96 4.10 1.89
N PRO A 13 17.42 5.28 2.31
CA PRO A 13 16.50 6.39 2.55
C PRO A 13 15.80 6.81 1.27
N SER A 14 14.61 7.42 1.42
CA SER A 14 13.77 7.75 0.28
C SER A 14 14.44 8.74 -0.66
N GLY A 15 15.02 9.81 -0.13
CA GLY A 15 15.62 10.77 -1.03
C GLY A 15 17.08 10.57 -1.35
N ALA A 16 17.69 9.46 -0.96
CA ALA A 16 19.11 9.26 -1.18
C ALA A 16 19.44 8.83 -2.61
N GLY A 17 18.43 8.56 -3.43
CA GLY A 17 18.64 8.23 -4.82
C GLY A 17 18.51 6.77 -5.21
N LYS A 18 17.89 5.93 -4.37
CA LYS A 18 17.72 4.54 -4.76
C LYS A 18 16.66 4.39 -5.85
N SER A 19 15.65 5.24 -5.86
CA SER A 19 14.63 5.16 -6.90
C SER A 19 15.10 5.79 -8.20
N THR A 20 15.86 6.89 -8.11
CA THR A 20 16.39 7.48 -9.33
C THR A 20 17.35 6.51 -10.02
N LEU A 21 18.25 5.92 -9.24
CA LEU A 21 19.20 4.96 -9.80
C LEU A 21 18.50 3.76 -10.40
N LEU A 22 17.43 3.28 -9.75
CA LEU A 22 16.66 2.19 -10.32
C LEU A 22 15.97 2.59 -11.61
N LYS A 23 15.45 3.82 -11.67
CA LYS A 23 14.81 4.30 -12.90
C LYS A 23 15.82 4.35 -14.05
N ARG A 24 17.01 4.88 -13.79
CA ARG A 24 18.07 4.87 -14.81
C ARG A 24 18.49 3.45 -15.14
N LEU A 25 18.55 2.58 -14.12
CA LEU A 25 18.91 1.18 -14.33
C LEU A 25 17.90 0.48 -15.23
N LEU A 26 16.61 0.76 -15.05
CA LEU A 26 15.60 0.10 -15.86
C LEU A 26 15.60 0.65 -17.29
N GLN A 27 15.89 1.94 -17.45
CA GLN A 27 15.83 2.55 -18.78
C GLN A 27 17.02 2.16 -19.64
N GLU A 28 18.19 1.97 -19.04
CA GLU A 28 19.41 1.69 -19.77
C GLU A 28 19.72 0.20 -19.89
N HIS A 29 18.72 -0.67 -19.65
CA HIS A 29 18.89 -2.10 -19.85
C HIS A 29 17.62 -2.66 -20.46
N SER A 30 17.79 -3.43 -21.53
CA SER A 30 16.69 -4.00 -22.29
C SER A 30 16.54 -5.47 -21.92
N GLY A 31 15.40 -5.82 -21.34
CA GLY A 31 15.09 -7.22 -21.08
C GLY A 31 15.95 -7.90 -20.05
N ILE A 32 16.64 -7.14 -19.22
CA ILE A 32 17.44 -7.73 -18.15
C ILE A 32 16.71 -7.64 -16.81
N PHE A 33 16.11 -6.49 -16.53
CA PHE A 33 15.44 -6.31 -15.26
C PHE A 33 13.93 -6.31 -15.45
N GLY A 34 13.22 -6.62 -14.36
CA GLY A 34 11.78 -6.75 -14.43
C GLY A 34 11.16 -6.61 -13.06
N PHE A 35 9.86 -6.38 -13.06
CA PHE A 35 9.08 -6.28 -11.84
C PHE A 35 8.13 -7.47 -11.73
N SER A 36 7.89 -7.88 -10.49
CA SER A 36 6.94 -8.95 -10.22
C SER A 36 5.53 -8.51 -10.58
N VAL A 37 4.68 -9.49 -10.89
CA VAL A 37 3.25 -9.25 -11.05
C VAL A 37 2.59 -9.45 -9.71
N SER A 38 1.91 -8.42 -9.21
CA SER A 38 1.39 -8.45 -7.85
C SER A 38 -0.02 -9.03 -7.83
N HIS A 39 -0.35 -9.66 -6.71
CA HIS A 39 -1.71 -10.14 -6.49
C HIS A 39 -2.59 -8.99 -6.04
N THR A 40 -3.88 -9.10 -6.35
CA THR A 40 -4.86 -8.14 -5.87
C THR A 40 -6.20 -8.85 -5.72
N THR A 41 -7.02 -8.31 -4.82
CA THR A 41 -8.41 -8.73 -4.68
C THR A 41 -9.36 -7.86 -5.51
N ARG A 42 -8.83 -6.83 -6.15
CA ARG A 42 -9.64 -5.91 -6.92
C ARG A 42 -10.30 -6.62 -8.08
N ASN A 43 -11.52 -6.15 -8.44
CA ASN A 43 -12.19 -6.70 -9.61
C ASN A 43 -11.35 -6.41 -10.85
N PRO A 44 -11.09 -7.40 -11.69
CA PRO A 44 -10.32 -7.15 -12.92
C PRO A 44 -10.97 -6.10 -13.79
N ARG A 45 -10.27 -4.98 -13.95
CA ARG A 45 -10.76 -3.90 -14.80
C ARG A 45 -10.71 -4.32 -16.27
N PRO A 46 -11.59 -3.77 -17.11
CA PRO A 46 -11.61 -4.19 -18.52
C PRO A 46 -10.29 -3.89 -19.22
N GLY A 47 -9.86 -4.82 -20.06
CA GLY A 47 -8.60 -4.72 -20.75
C GLY A 47 -7.40 -5.27 -20.00
N GLU A 48 -7.60 -5.81 -18.80
CA GLU A 48 -6.53 -6.40 -18.01
C GLU A 48 -6.58 -7.92 -18.13
N GLU A 49 -5.40 -8.53 -18.28
CA GLU A 49 -5.27 -9.97 -18.42
C GLU A 49 -4.60 -10.55 -17.18
N ASN A 50 -5.12 -11.69 -16.72
CA ASN A 50 -4.56 -12.36 -15.55
C ASN A 50 -3.14 -12.83 -15.86
N GLY A 51 -2.24 -12.61 -14.89
CA GLY A 51 -0.86 -12.99 -15.04
C GLY A 51 0.05 -11.92 -15.60
N LYS A 52 -0.49 -10.92 -16.30
CA LYS A 52 0.32 -9.84 -16.87
C LYS A 52 0.24 -8.58 -16.01
N ASP A 53 -0.97 -8.09 -15.74
CA ASP A 53 -1.13 -6.87 -14.95
C ASP A 53 -1.16 -7.17 -13.46
N TYR A 54 -1.96 -8.14 -13.05
CA TYR A 54 -2.09 -8.54 -11.67
C TYR A 54 -2.51 -10.01 -11.64
N TYR A 55 -2.24 -10.68 -10.53
CA TYR A 55 -2.85 -11.98 -10.27
C TYR A 55 -4.16 -11.69 -9.56
N PHE A 56 -5.26 -11.73 -10.30
CA PHE A 56 -6.57 -11.40 -9.72
C PHE A 56 -7.07 -12.62 -8.96
N VAL A 57 -7.23 -12.47 -7.64
CA VAL A 57 -7.63 -13.57 -6.76
C VAL A 57 -8.69 -13.06 -5.79
N THR A 58 -9.48 -13.99 -5.25
CA THR A 58 -10.54 -13.63 -4.32
C THR A 58 -9.95 -13.24 -2.98
N ARG A 59 -10.70 -12.43 -2.25
CA ARG A 59 -10.24 -12.00 -0.93
C ARG A 59 -9.97 -13.19 -0.02
N GLU A 60 -10.85 -14.20 -0.07
CA GLU A 60 -10.62 -15.41 0.73
C GLU A 60 -9.29 -16.05 0.39
N VAL A 61 -8.98 -16.16 -0.91
CA VAL A 61 -7.69 -16.71 -1.30
C VAL A 61 -6.56 -15.83 -0.80
N MET A 62 -6.74 -14.51 -0.86
CA MET A 62 -5.68 -13.58 -0.45
C MET A 62 -5.36 -13.75 1.03
N GLN A 63 -6.39 -13.75 1.88
CA GLN A 63 -6.19 -13.91 3.31
C GLN A 63 -5.52 -15.25 3.64
N ARG A 64 -5.89 -16.30 2.92
CA ARG A 64 -5.30 -17.60 3.19
C ARG A 64 -3.81 -17.61 2.85
N ASP A 65 -3.46 -17.04 1.71
CA ASP A 65 -2.06 -17.01 1.28
C ASP A 65 -1.23 -16.05 2.12
N ILE A 66 -1.85 -14.99 2.65
CA ILE A 66 -1.15 -14.13 3.61
C ILE A 66 -0.81 -14.93 4.86
N ALA A 67 -1.83 -15.54 5.47
CA ALA A 67 -1.61 -16.34 6.66
C ALA A 67 -0.66 -17.52 6.41
N ALA A 68 -0.54 -17.99 5.17
CA ALA A 68 0.41 -19.06 4.88
C ALA A 68 1.82 -18.54 4.64
N GLY A 69 2.05 -17.24 4.69
CA GLY A 69 3.37 -16.69 4.50
C GLY A 69 3.86 -16.67 3.06
N ASP A 70 2.94 -16.71 2.10
CA ASP A 70 3.31 -16.72 0.70
C ASP A 70 3.74 -15.35 0.17
N PHE A 71 3.52 -14.28 0.93
CA PHE A 71 3.74 -12.92 0.42
C PHE A 71 4.96 -12.29 1.07
N ILE A 72 5.81 -11.68 0.25
CA ILE A 72 6.94 -10.89 0.74
C ILE A 72 6.45 -9.65 1.47
N GLU A 73 5.55 -8.90 0.82
CA GLU A 73 4.93 -7.72 1.40
C GLU A 73 3.49 -7.66 0.93
N HIS A 74 2.60 -7.21 1.81
CA HIS A 74 1.21 -7.01 1.43
C HIS A 74 0.70 -5.76 2.11
N ALA A 75 -0.28 -5.13 1.49
CA ALA A 75 -0.81 -3.87 1.99
C ALA A 75 -2.23 -3.70 1.49
N GLU A 76 -2.98 -2.81 2.14
CA GLU A 76 -4.33 -2.47 1.74
C GLU A 76 -4.31 -1.13 1.02
N PHE A 77 -5.18 -0.98 0.01
CA PHE A 77 -5.20 0.22 -0.83
C PHE A 77 -6.54 0.33 -1.55
N SER A 78 -7.26 1.44 -1.30
CA SER A 78 -8.56 1.72 -1.92
C SER A 78 -9.59 0.64 -1.63
N GLY A 79 -9.50 0.02 -0.45
CA GLY A 79 -10.44 -1.00 -0.04
C GLY A 79 -10.09 -2.40 -0.46
N ASN A 80 -9.10 -2.57 -1.32
CA ASN A 80 -8.70 -3.90 -1.77
C ASN A 80 -7.33 -4.21 -1.20
N LEU A 81 -6.90 -5.45 -1.40
CA LEU A 81 -5.62 -5.91 -0.90
C LEU A 81 -4.68 -6.18 -2.06
N TYR A 82 -3.41 -5.89 -1.86
CA TYR A 82 -2.36 -6.15 -2.83
C TYR A 82 -1.24 -6.87 -2.11
N GLY A 83 -0.43 -7.60 -2.87
CA GLY A 83 0.69 -8.31 -2.30
C GLY A 83 1.67 -8.71 -3.37
N THR A 84 2.89 -9.03 -2.93
CA THR A 84 3.97 -9.47 -3.80
C THR A 84 4.39 -10.86 -3.34
N SER A 85 4.01 -11.88 -4.10
CA SER A 85 4.25 -13.24 -3.68
C SER A 85 5.63 -13.72 -4.11
N LYS A 86 6.20 -14.65 -3.33
CA LYS A 86 7.50 -15.21 -3.69
C LYS A 86 7.45 -15.83 -5.07
N VAL A 87 6.37 -16.56 -5.37
CA VAL A 87 6.21 -17.17 -6.69
C VAL A 87 6.28 -16.12 -7.79
N ALA A 88 5.72 -14.92 -7.53
CA ALA A 88 5.78 -13.85 -8.52
C ALA A 88 7.22 -13.41 -8.78
N VAL A 89 8.02 -13.34 -7.71
CA VAL A 89 9.44 -13.03 -7.86
C VAL A 89 10.18 -14.18 -8.52
N GLN A 90 9.87 -15.41 -8.13
CA GLN A 90 10.52 -16.57 -8.73
C GLN A 90 10.10 -16.75 -10.18
N ALA A 91 8.94 -16.23 -10.56
CA ALA A 91 8.54 -16.30 -11.96
C ALA A 91 9.41 -15.43 -12.84
N VAL A 92 9.82 -14.26 -12.32
CA VAL A 92 10.75 -13.42 -13.07
C VAL A 92 12.10 -14.10 -13.19
N GLN A 93 12.57 -14.71 -12.10
CA GLN A 93 13.82 -15.45 -12.19
C GLN A 93 13.73 -16.59 -13.18
N ALA A 94 12.54 -17.20 -13.29
CA ALA A 94 12.38 -18.31 -14.24
C ALA A 94 12.52 -17.84 -15.68
N MET A 95 12.22 -16.57 -15.95
CA MET A 95 12.28 -16.03 -17.30
C MET A 95 13.63 -15.39 -17.64
N ASN A 96 14.67 -15.76 -16.90
CA ASN A 96 16.03 -15.25 -17.12
C ASN A 96 16.10 -13.74 -17.01
N ARG A 97 15.41 -13.19 -16.01
CA ARG A 97 15.37 -11.77 -15.77
C ARG A 97 15.68 -11.51 -14.29
N ILE A 98 16.13 -10.30 -14.01
CA ILE A 98 16.50 -9.88 -12.66
C ILE A 98 15.32 -9.13 -12.07
N CYS A 99 14.64 -9.75 -11.11
CA CYS A 99 13.53 -9.09 -10.44
C CYS A 99 14.05 -8.10 -9.41
N VAL A 100 13.51 -6.88 -9.44
CA VAL A 100 14.00 -5.80 -8.59
C VAL A 100 12.92 -5.45 -7.58
N LEU A 101 13.28 -5.49 -6.30
CA LEU A 101 12.36 -5.25 -5.21
C LEU A 101 12.80 -3.98 -4.48
N ASP A 102 11.93 -2.99 -4.49
CA ASP A 102 12.23 -1.72 -3.85
C ASP A 102 11.37 -1.65 -2.59
N VAL A 103 11.95 -2.02 -1.46
CA VAL A 103 11.22 -2.12 -0.20
C VAL A 103 11.91 -1.30 0.88
N ASP A 104 11.18 -1.04 1.95
CA ASP A 104 11.68 -0.31 3.09
C ASP A 104 12.62 -1.18 3.90
N LEU A 105 13.11 -0.63 5.02
CA LEU A 105 14.02 -1.37 5.87
C LEU A 105 13.36 -2.61 6.46
N GLN A 106 12.14 -2.46 7.00
CA GLN A 106 11.46 -3.64 7.51
C GLN A 106 11.34 -4.72 6.44
N GLY A 107 10.94 -4.34 5.22
CA GLY A 107 10.76 -5.30 4.14
C GLY A 107 12.00 -6.11 3.83
N VAL A 108 13.18 -5.51 3.99
CA VAL A 108 14.42 -6.27 3.88
C VAL A 108 14.39 -7.44 4.85
N ARG A 109 14.00 -7.19 6.10
CA ARG A 109 13.92 -8.26 7.08
C ARG A 109 12.95 -9.35 6.64
N ASN A 110 11.81 -8.97 6.06
CA ASN A 110 10.88 -9.98 5.55
C ASN A 110 11.55 -10.91 4.55
N ILE A 111 12.26 -10.35 3.57
CA ILE A 111 12.90 -11.19 2.56
C ILE A 111 14.04 -12.02 3.17
N LYS A 112 14.74 -11.46 4.17
CA LYS A 112 15.84 -12.20 4.81
C LYS A 112 15.37 -13.52 5.39
N ALA A 113 14.17 -13.54 5.98
CA ALA A 113 13.65 -14.77 6.58
C ALA A 113 13.18 -15.79 5.55
N THR A 114 12.96 -15.38 4.30
CA THR A 114 12.45 -16.29 3.28
C THR A 114 13.58 -17.11 2.68
N ASP A 115 13.19 -17.99 1.75
CA ASP A 115 14.11 -18.87 1.05
C ASP A 115 14.75 -18.23 -0.17
N LEU A 116 14.31 -17.04 -0.57
CA LEU A 116 14.95 -16.34 -1.68
C LEU A 116 16.39 -15.98 -1.32
N ARG A 117 17.19 -15.75 -2.36
CA ARG A 117 18.61 -15.40 -2.19
C ARG A 117 18.94 -14.22 -3.09
N PRO A 118 18.42 -13.03 -2.75
CA PRO A 118 18.71 -11.85 -3.57
C PRO A 118 20.01 -11.17 -3.18
N ILE A 119 20.32 -10.06 -3.83
CA ILE A 119 21.50 -9.26 -3.51
C ILE A 119 21.02 -7.97 -2.88
N TYR A 120 21.29 -7.78 -1.59
CA TYR A 120 20.77 -6.66 -0.83
C TYR A 120 21.69 -5.47 -0.97
N ILE A 121 21.16 -4.35 -1.46
CA ILE A 121 21.96 -3.16 -1.75
C ILE A 121 21.27 -1.97 -1.11
N SER A 122 22.05 -1.15 -0.40
CA SER A 122 21.53 0.04 0.26
C SER A 122 22.20 1.26 -0.35
N VAL A 123 21.39 2.21 -0.83
CA VAL A 123 21.88 3.44 -1.44
C VAL A 123 21.74 4.56 -0.41
N GLN A 124 22.84 4.85 0.33
CA GLN A 124 22.93 5.80 1.43
C GLN A 124 23.40 7.17 0.94
N PRO A 125 22.99 8.24 1.60
CA PRO A 125 23.54 9.56 1.28
C PRO A 125 24.93 9.72 1.88
N PRO A 126 25.70 10.71 1.43
CA PRO A 126 27.01 10.96 2.06
C PRO A 126 26.91 11.31 3.53
N SER A 127 25.84 11.98 3.93
CA SER A 127 25.57 12.25 5.34
C SER A 127 24.12 12.67 5.46
N LEU A 128 23.69 12.83 6.71
CA LEU A 128 22.34 13.34 6.97
C LEU A 128 22.23 14.80 6.55
N HIS A 129 23.33 15.55 6.63
CA HIS A 129 23.30 16.95 6.21
C HIS A 129 23.18 17.07 4.71
N VAL A 130 23.94 16.27 3.96
CA VAL A 130 23.86 16.29 2.51
C VAL A 130 22.47 15.85 2.03
N LEU A 131 21.88 14.86 2.72
CA LEU A 131 20.53 14.45 2.35
C LEU A 131 19.52 15.55 2.63
N GLU A 132 19.70 16.29 3.73
CA GLU A 132 18.79 17.41 4.02
C GLU A 132 18.89 18.50 2.97
N GLN A 133 20.11 18.76 2.49
CA GLN A 133 20.28 19.76 1.43
C GLN A 133 19.59 19.34 0.14
N ARG A 134 19.70 18.07 -0.22
CA ARG A 134 19.08 17.60 -1.46
C ARG A 134 17.56 17.61 -1.35
N LEU A 135 17.02 17.35 -0.15
CA LEU A 135 15.57 17.35 0.03
C LEU A 135 15.00 18.76 -0.02
N ARG A 136 15.78 19.76 0.43
CA ARG A 136 15.33 21.14 0.33
C ARG A 136 15.43 21.67 -1.09
N GLN A 137 16.40 21.18 -1.88
CA GLN A 137 16.56 21.71 -3.23
C GLN A 137 15.40 21.30 -4.14
N ARG A 138 14.81 20.12 -3.90
CA ARG A 138 13.72 19.66 -4.76
C ARG A 138 12.40 20.35 -4.45
N ASN A 139 12.34 21.15 -3.37
CA ASN A 139 11.22 22.06 -3.12
C ASN A 139 9.88 21.32 -3.05
N THR A 140 9.87 20.20 -2.34
CA THR A 140 8.65 19.40 -2.18
C THR A 140 8.23 19.25 -0.74
N GLU A 141 9.12 19.50 0.21
CA GLU A 141 8.88 19.20 1.61
C GLU A 141 8.45 20.45 2.37
N THR A 142 7.82 20.22 3.50
CA THR A 142 7.59 21.23 4.50
C THR A 142 8.46 20.93 5.71
N GLU A 143 8.53 21.90 6.64
CA GLU A 143 9.36 21.70 7.82
C GLU A 143 8.85 20.54 8.67
N GLU A 144 7.54 20.27 8.63
CA GLU A 144 6.99 19.14 9.38
C GLU A 144 7.35 17.81 8.72
N SER A 145 7.17 17.72 7.38
CA SER A 145 7.53 16.48 6.70
C SER A 145 9.03 16.25 6.72
N LEU A 146 9.81 17.33 6.70
CA LEU A 146 11.27 17.19 6.67
C LEU A 146 11.79 16.50 7.92
N VAL A 147 11.21 16.78 9.08
CA VAL A 147 11.68 16.13 10.30
C VAL A 147 11.25 14.67 10.33
N LYS A 148 10.08 14.36 9.75
CA LYS A 148 9.67 12.96 9.65
C LYS A 148 10.61 12.18 8.75
N ARG A 149 10.96 12.73 7.60
CA ARG A 149 11.79 11.99 6.65
C ARG A 149 13.23 11.90 7.14
N LEU A 150 13.75 12.97 7.74
CA LEU A 150 15.10 12.92 8.25
C LEU A 150 15.22 11.87 9.34
N ALA A 151 14.30 11.88 10.31
CA ALA A 151 14.31 10.87 11.36
C ALA A 151 14.25 9.47 10.78
N ALA A 152 13.29 9.21 9.89
CA ALA A 152 13.19 7.91 9.24
C ALA A 152 14.45 7.57 8.47
N ALA A 153 15.02 8.54 7.75
CA ALA A 153 16.28 8.32 7.05
C ALA A 153 17.36 7.89 8.02
N GLN A 154 17.52 8.62 9.13
CA GLN A 154 18.55 8.28 10.12
C GLN A 154 18.39 6.84 10.60
N ALA A 155 17.15 6.42 10.86
CA ALA A 155 16.91 5.03 11.21
C ALA A 155 17.48 4.09 10.15
N ASP A 156 17.21 4.38 8.87
CA ASP A 156 17.69 3.53 7.78
C ASP A 156 19.22 3.50 7.73
N MET A 157 19.86 4.65 7.97
CA MET A 157 21.32 4.70 7.95
C MET A 157 21.92 3.90 9.09
N GLU A 158 21.32 3.96 10.29
CA GLU A 158 21.80 3.16 11.40
C GLU A 158 21.68 1.67 11.11
N SER A 159 20.51 1.25 10.63
CA SER A 159 20.28 -0.17 10.37
C SER A 159 21.19 -0.70 9.27
N SER A 160 21.64 0.17 8.34
CA SER A 160 22.51 -0.28 7.27
C SER A 160 23.88 -0.73 7.78
N LYS A 161 24.25 -0.34 9.00
CA LYS A 161 25.53 -0.72 9.58
C LYS A 161 25.53 -2.12 10.17
N GLU A 162 24.38 -2.77 10.25
CA GLU A 162 24.29 -4.12 10.79
C GLU A 162 25.04 -5.10 9.89
N PRO A 163 25.97 -5.89 10.41
CA PRO A 163 26.76 -6.78 9.56
C PRO A 163 25.92 -7.88 8.93
N GLY A 164 26.23 -8.17 7.67
CA GLY A 164 25.53 -9.21 6.93
C GLY A 164 24.18 -8.81 6.40
N LEU A 165 23.71 -7.60 6.73
CA LEU A 165 22.40 -7.18 6.25
C LEU A 165 22.44 -6.89 4.76
N PHE A 166 23.23 -5.90 4.34
CA PHE A 166 23.34 -5.51 2.95
C PHE A 166 24.64 -6.04 2.37
N ASP A 167 24.57 -6.61 1.16
CA ASP A 167 25.77 -7.09 0.48
C ASP A 167 26.65 -5.93 0.04
N VAL A 168 26.06 -4.92 -0.59
CA VAL A 168 26.78 -3.73 -1.06
C VAL A 168 26.07 -2.51 -0.54
N VAL A 169 26.84 -1.53 -0.07
CA VAL A 169 26.32 -0.24 0.37
C VAL A 169 26.97 0.83 -0.51
N ILE A 170 26.14 1.59 -1.22
CA ILE A 170 26.60 2.62 -2.14
C ILE A 170 26.33 3.98 -1.53
N ILE A 171 27.37 4.80 -1.42
CA ILE A 171 27.26 6.17 -0.96
C ILE A 171 27.01 7.06 -2.18
N ASN A 172 25.89 7.78 -2.17
CA ASN A 172 25.49 8.62 -3.30
C ASN A 172 26.22 9.97 -3.22
N ASP A 173 27.52 9.93 -3.54
CA ASP A 173 28.24 11.18 -3.76
C ASP A 173 27.74 11.88 -5.01
N SER A 174 27.65 11.14 -6.11
CA SER A 174 27.09 11.64 -7.35
C SER A 174 26.38 10.50 -8.05
N LEU A 175 25.35 10.84 -8.82
CA LEU A 175 24.56 9.82 -9.51
C LEU A 175 25.36 9.09 -10.57
N ASP A 176 26.39 9.73 -11.11
CA ASP A 176 27.21 9.08 -12.12
C ASP A 176 28.01 7.92 -11.51
N GLN A 177 28.71 8.17 -10.40
CA GLN A 177 29.45 7.10 -9.75
C GLN A 177 28.54 6.13 -9.02
N ALA A 178 27.43 6.62 -8.43
CA ALA A 178 26.55 5.73 -7.70
C ALA A 178 25.93 4.69 -8.64
N TYR A 179 25.52 5.12 -9.83
CA TYR A 179 25.03 4.17 -10.83
C TYR A 179 26.15 3.27 -11.34
N ALA A 180 27.37 3.81 -11.42
CA ALA A 180 28.50 2.96 -11.80
C ALA A 180 28.71 1.84 -10.79
N GLU A 181 28.66 2.16 -9.50
CA GLU A 181 28.89 1.13 -8.48
C GLU A 181 27.73 0.13 -8.43
N LEU A 182 26.52 0.59 -8.72
CA LEU A 182 25.37 -0.32 -8.75
C LEU A 182 25.47 -1.31 -9.90
N LYS A 183 25.94 -0.85 -11.07
CA LYS A 183 26.16 -1.78 -12.18
C LYS A 183 27.27 -2.78 -11.86
N GLU A 184 28.37 -2.32 -11.24
CA GLU A 184 29.46 -3.22 -10.91
C GLU A 184 29.03 -4.27 -9.90
N ALA A 185 28.14 -3.91 -8.98
CA ALA A 185 27.65 -4.89 -8.00
C ALA A 185 26.80 -5.96 -8.67
N LEU A 186 26.02 -5.57 -9.67
CA LEU A 186 25.12 -6.49 -10.36
C LEU A 186 25.73 -7.05 -11.65
N SER A 187 27.04 -6.85 -11.86
CA SER A 187 27.65 -7.25 -13.12
C SER A 187 27.50 -8.75 -13.35
N GLU A 188 27.59 -9.54 -12.27
CA GLU A 188 27.52 -10.99 -12.43
C GLU A 188 26.11 -11.44 -12.81
N GLU A 189 25.09 -10.84 -12.19
CA GLU A 189 23.72 -11.25 -12.50
C GLU A 189 23.25 -10.67 -13.83
N ILE A 190 23.81 -9.53 -14.24
CA ILE A 190 23.49 -8.97 -15.55
C ILE A 190 24.08 -9.83 -16.66
N LYS A 191 25.32 -10.31 -16.47
CA LYS A 191 25.92 -11.21 -17.43
C LYS A 191 25.07 -12.48 -17.61
N LYS A 192 24.55 -13.00 -16.50
CA LYS A 192 23.72 -14.21 -16.58
C LYS A 192 22.45 -13.97 -17.40
N ALA A 193 21.81 -12.81 -17.20
CA ALA A 193 20.61 -12.49 -17.96
C ALA A 193 20.91 -12.21 -19.42
N GLN A 194 22.13 -11.74 -19.73
CA GLN A 194 22.47 -11.42 -21.11
C GLN A 194 22.76 -12.66 -21.94
N ARG A 195 23.03 -13.80 -21.30
CA ARG A 195 23.25 -15.06 -22.00
C ARG A 195 21.99 -15.92 -21.84
N THR A 196 21.32 -16.19 -22.97
CA THR A 196 20.10 -16.99 -22.96
C THR A 196 20.21 -18.11 -24.02
N SER B 3 -24.81 21.18 -0.49
CA SER B 3 -23.91 20.64 0.53
C SER B 3 -23.31 19.30 0.11
N GLY B 4 -24.14 18.29 -0.11
CA GLY B 4 -23.68 17.00 -0.58
C GLY B 4 -23.42 16.00 0.53
N PRO B 5 -23.41 14.70 0.19
CA PRO B 5 -23.27 13.65 1.21
C PRO B 5 -21.83 13.54 1.69
N ARG B 6 -21.62 13.68 2.99
CA ARG B 6 -20.28 13.57 3.53
C ARG B 6 -19.77 12.13 3.43
N PRO B 7 -18.46 11.94 3.36
CA PRO B 7 -17.91 10.58 3.26
C PRO B 7 -18.19 9.78 4.51
N VAL B 8 -17.96 8.47 4.41
CA VAL B 8 -18.12 7.55 5.55
C VAL B 8 -16.82 6.78 5.73
N VAL B 9 -16.21 6.91 6.90
CA VAL B 9 -15.01 6.16 7.25
C VAL B 9 -15.46 4.95 8.03
N LEU B 10 -15.11 3.76 7.52
CA LEU B 10 -15.56 2.48 8.05
C LEU B 10 -14.33 1.73 8.53
N SER B 11 -14.18 1.61 9.85
CA SER B 11 -13.05 0.93 10.45
C SER B 11 -13.52 -0.20 11.37
N GLY B 12 -12.56 -0.87 11.98
CA GLY B 12 -12.83 -1.98 12.85
C GLY B 12 -11.87 -3.11 12.55
N PRO B 13 -11.90 -4.14 13.40
CA PRO B 13 -11.02 -5.30 13.19
C PRO B 13 -11.33 -6.03 11.88
N SER B 14 -10.27 -6.51 11.23
CA SER B 14 -10.41 -7.30 10.01
C SER B 14 -11.26 -8.55 10.27
N GLY B 15 -12.37 -8.66 9.56
CA GLY B 15 -13.26 -9.80 9.72
C GLY B 15 -14.31 -9.65 10.79
N ALA B 16 -14.47 -8.47 11.37
CA ALA B 16 -15.51 -8.18 12.34
C ALA B 16 -16.83 -7.77 11.68
N GLY B 17 -16.82 -7.45 10.39
CA GLY B 17 -18.06 -7.22 9.68
C GLY B 17 -18.05 -6.04 8.75
N LYS B 18 -17.02 -5.19 8.84
CA LYS B 18 -17.00 -3.95 8.09
C LYS B 18 -16.98 -4.21 6.58
N SER B 19 -16.19 -5.20 6.14
CA SER B 19 -16.13 -5.50 4.71
C SER B 19 -17.42 -6.17 4.24
N THR B 20 -17.94 -7.11 5.03
CA THR B 20 -19.19 -7.76 4.66
C THR B 20 -20.35 -6.76 4.62
N LEU B 21 -20.41 -5.86 5.61
CA LEU B 21 -21.47 -4.86 5.61
C LEU B 21 -21.31 -3.88 4.45
N LEU B 22 -20.07 -3.57 4.08
CA LEU B 22 -19.86 -2.67 2.95
C LEU B 22 -20.26 -3.33 1.63
N LYS B 23 -19.98 -4.63 1.48
CA LYS B 23 -20.42 -5.36 0.29
C LYS B 23 -21.94 -5.38 0.20
N ARG B 24 -22.62 -5.70 1.30
CA ARG B 24 -24.08 -5.67 1.32
C ARG B 24 -24.60 -4.25 1.07
N LEU B 25 -23.92 -3.27 1.66
CA LEU B 25 -24.31 -1.87 1.47
C LEU B 25 -24.17 -1.45 0.01
N LEU B 26 -23.08 -1.84 -0.64
CA LEU B 26 -22.93 -1.51 -2.05
C LEU B 26 -23.91 -2.31 -2.91
N GLN B 27 -24.16 -3.58 -2.54
CA GLN B 27 -25.05 -4.40 -3.35
C GLN B 27 -26.48 -3.90 -3.31
N GLU B 28 -26.99 -3.59 -2.11
CA GLU B 28 -28.37 -3.17 -2.00
C GLU B 28 -28.59 -1.77 -2.57
N HIS B 29 -27.71 -0.84 -2.23
CA HIS B 29 -27.87 0.56 -2.64
C HIS B 29 -26.94 0.81 -3.82
N SER B 30 -27.41 0.44 -5.01
CA SER B 30 -26.66 0.64 -6.25
C SER B 30 -26.89 2.05 -6.77
N GLY B 31 -25.79 2.77 -7.03
CA GLY B 31 -25.86 4.12 -7.55
C GLY B 31 -25.85 5.21 -6.49
N ILE B 32 -25.90 4.84 -5.20
CA ILE B 32 -25.90 5.83 -4.13
C ILE B 32 -24.50 6.05 -3.56
N PHE B 33 -23.58 5.10 -3.72
CA PHE B 33 -22.23 5.21 -3.19
C PHE B 33 -21.22 5.30 -4.33
N GLY B 34 -20.20 6.13 -4.13
CA GLY B 34 -19.13 6.29 -5.09
C GLY B 34 -17.78 5.93 -4.50
N PHE B 35 -16.79 5.81 -5.39
CA PHE B 35 -15.43 5.42 -5.03
C PHE B 35 -14.45 6.45 -5.60
N SER B 36 -13.32 6.62 -4.90
CA SER B 36 -12.36 7.63 -5.31
C SER B 36 -11.49 7.13 -6.45
N VAL B 37 -11.25 8.00 -7.43
CA VAL B 37 -10.33 7.70 -8.52
C VAL B 37 -8.90 7.89 -8.03
N SER B 38 -8.06 6.89 -8.25
CA SER B 38 -6.73 6.91 -7.68
C SER B 38 -5.74 7.61 -8.60
N HIS B 39 -4.70 8.18 -8.00
CA HIS B 39 -3.59 8.77 -8.73
C HIS B 39 -2.55 7.70 -9.03
N THR B 40 -1.97 7.76 -10.22
CA THR B 40 -0.96 6.80 -10.61
C THR B 40 0.15 7.51 -11.37
N THR B 41 1.31 6.88 -11.38
CA THR B 41 2.44 7.34 -12.17
C THR B 41 2.78 6.39 -13.31
N ARG B 42 1.96 5.37 -13.53
CA ARG B 42 2.17 4.43 -14.62
C ARG B 42 1.80 5.07 -15.95
N ASN B 43 2.36 4.51 -17.03
CA ASN B 43 2.10 5.05 -18.35
C ASN B 43 0.61 4.90 -18.68
N PRO B 44 -0.01 5.91 -19.28
CA PRO B 44 -1.44 5.83 -19.60
C PRO B 44 -1.71 4.75 -20.64
N ARG B 45 -2.46 3.72 -20.24
CA ARG B 45 -2.77 2.64 -21.17
C ARG B 45 -3.65 3.16 -22.30
N PRO B 46 -3.50 2.63 -23.52
CA PRO B 46 -4.32 3.12 -24.63
C PRO B 46 -5.80 2.91 -24.36
N GLY B 47 -6.58 3.96 -24.63
CA GLY B 47 -8.01 3.94 -24.38
C GLY B 47 -8.43 4.44 -23.02
N GLU B 48 -7.48 4.74 -22.12
CA GLU B 48 -7.80 5.22 -20.79
C GLU B 48 -8.23 6.68 -20.84
N GLU B 49 -8.79 7.15 -19.73
CA GLU B 49 -9.22 8.54 -19.60
C GLU B 49 -8.64 9.14 -18.33
N ASN B 50 -8.04 10.32 -18.45
CA ASN B 50 -7.45 11.02 -17.31
C ASN B 50 -8.57 11.68 -16.50
N GLY B 51 -9.18 10.88 -15.63
CA GLY B 51 -10.27 11.35 -14.81
C GLY B 51 -11.28 10.25 -14.52
N LYS B 52 -11.35 9.26 -15.42
CA LYS B 52 -12.28 8.15 -15.30
C LYS B 52 -11.61 6.87 -14.81
N ASP B 53 -10.38 6.60 -15.26
CA ASP B 53 -9.64 5.42 -14.84
C ASP B 53 -8.65 5.76 -13.73
N TYR B 54 -7.77 6.73 -13.96
CA TYR B 54 -6.75 7.12 -13.00
C TYR B 54 -6.40 8.59 -13.21
N TYR B 55 -5.72 9.17 -12.21
CA TYR B 55 -5.16 10.52 -12.30
C TYR B 55 -3.65 10.39 -12.51
N PHE B 56 -3.19 10.64 -13.74
CA PHE B 56 -1.78 10.47 -14.07
C PHE B 56 -1.00 11.70 -13.62
N VAL B 57 -0.07 11.52 -12.68
CA VAL B 57 0.77 12.58 -12.14
C VAL B 57 2.21 12.10 -12.11
N THR B 58 3.10 12.96 -11.62
CA THR B 58 4.52 12.65 -11.49
C THR B 58 4.88 12.39 -10.04
N ARG B 59 6.09 11.85 -9.84
CA ARG B 59 6.55 11.58 -8.48
C ARG B 59 6.67 12.86 -7.68
N GLU B 60 7.13 13.95 -8.32
CA GLU B 60 7.32 15.21 -7.60
C GLU B 60 6.01 15.72 -7.01
N VAL B 61 4.93 15.69 -7.79
CA VAL B 61 3.64 16.12 -7.27
C VAL B 61 3.21 15.25 -6.09
N MET B 62 3.47 13.94 -6.16
CA MET B 62 3.14 13.06 -5.04
C MET B 62 3.73 13.58 -3.74
N GLN B 63 5.06 13.62 -3.66
CA GLN B 63 5.74 13.91 -2.39
C GLN B 63 5.41 15.29 -1.87
N ARG B 64 5.06 16.24 -2.74
CA ARG B 64 4.66 17.55 -2.25
C ARG B 64 3.29 17.51 -1.60
N ASP B 65 2.38 16.71 -2.16
CA ASP B 65 1.03 16.61 -1.60
C ASP B 65 1.02 15.76 -0.34
N ILE B 66 1.85 14.71 -0.30
CA ILE B 66 2.00 13.93 0.93
C ILE B 66 2.61 14.78 2.03
N ALA B 67 3.53 15.68 1.67
CA ALA B 67 4.13 16.57 2.64
C ALA B 67 3.17 17.67 3.09
N ALA B 68 2.15 17.96 2.28
CA ALA B 68 1.16 18.99 2.63
C ALA B 68 -0.09 18.41 3.27
N GLY B 69 -0.17 17.09 3.44
CA GLY B 69 -1.33 16.48 4.05
C GLY B 69 -2.53 16.35 3.13
N ASP B 70 -2.30 16.21 1.83
CA ASP B 70 -3.40 16.09 0.87
C ASP B 70 -3.80 14.64 0.61
N PHE B 71 -2.83 13.75 0.40
CA PHE B 71 -3.14 12.34 0.18
C PHE B 71 -3.50 11.65 1.49
N ILE B 72 -4.42 10.69 1.40
CA ILE B 72 -4.82 9.92 2.57
C ILE B 72 -4.18 8.54 2.63
N GLU B 73 -3.68 8.02 1.50
CA GLU B 73 -2.92 6.78 1.47
C GLU B 73 -2.07 6.77 0.21
N HIS B 74 -0.95 6.06 0.28
CA HIS B 74 -0.03 6.04 -0.84
C HIS B 74 0.88 4.83 -0.71
N ALA B 75 1.22 4.25 -1.85
CA ALA B 75 2.13 3.11 -1.89
C ALA B 75 2.63 2.96 -3.32
N GLU B 76 3.53 2.00 -3.52
CA GLU B 76 4.08 1.68 -4.83
C GLU B 76 3.85 0.21 -5.13
N PHE B 77 3.38 -0.08 -6.34
CA PHE B 77 3.18 -1.45 -6.82
C PHE B 77 3.76 -1.58 -8.21
N SER B 78 4.64 -2.56 -8.40
CA SER B 78 5.26 -2.89 -9.70
C SER B 78 6.00 -1.70 -10.32
N GLY B 79 6.41 -0.71 -9.52
CA GLY B 79 7.17 0.41 -10.05
C GLY B 79 6.46 1.74 -10.02
N ASN B 80 5.17 1.75 -10.38
CA ASN B 80 4.40 3.00 -10.42
C ASN B 80 4.01 3.44 -9.02
N LEU B 81 3.67 4.73 -8.90
CA LEU B 81 3.28 5.32 -7.62
C LEU B 81 1.78 5.54 -7.60
N TYR B 82 1.09 4.93 -6.65
CA TYR B 82 -0.35 5.00 -6.53
C TYR B 82 -0.74 5.70 -5.23
N GLY B 83 -1.84 6.45 -5.28
CA GLY B 83 -2.39 7.05 -4.08
C GLY B 83 -3.77 7.60 -4.35
N THR B 84 -4.55 7.73 -3.27
CA THR B 84 -5.86 8.37 -3.33
C THR B 84 -5.82 9.66 -2.53
N SER B 85 -6.20 10.76 -3.18
CA SER B 85 -6.03 12.11 -2.66
C SER B 85 -7.33 12.61 -2.06
N LYS B 86 -7.22 13.64 -1.20
CA LYS B 86 -8.43 14.24 -0.67
C LYS B 86 -9.31 14.80 -1.77
N VAL B 87 -8.71 15.43 -2.78
CA VAL B 87 -9.48 15.97 -3.90
C VAL B 87 -10.38 14.91 -4.51
N ALA B 88 -9.86 13.69 -4.70
CA ALA B 88 -10.65 12.64 -5.30
C ALA B 88 -11.82 12.23 -4.41
N VAL B 89 -11.64 12.28 -3.08
CA VAL B 89 -12.73 11.92 -2.18
C VAL B 89 -13.83 12.97 -2.23
N GLN B 90 -13.46 14.25 -2.18
CA GLN B 90 -14.42 15.34 -2.28
C GLN B 90 -15.15 15.33 -3.62
N ALA B 91 -14.52 14.79 -4.66
CA ALA B 91 -15.18 14.69 -5.96
C ALA B 91 -16.43 13.83 -5.89
N VAL B 92 -16.38 12.76 -5.11
CA VAL B 92 -17.56 11.94 -4.88
C VAL B 92 -18.65 12.76 -4.23
N GLN B 93 -18.29 13.56 -3.21
CA GLN B 93 -19.26 14.41 -2.55
C GLN B 93 -19.85 15.43 -3.51
N ALA B 94 -19.05 15.91 -4.47
CA ALA B 94 -19.55 16.88 -5.43
C ALA B 94 -20.59 16.27 -6.36
N MET B 95 -20.49 14.97 -6.63
CA MET B 95 -21.44 14.25 -7.47
C MET B 95 -22.61 13.67 -6.66
N ASN B 96 -22.87 14.22 -5.47
CA ASN B 96 -24.02 13.84 -4.65
C ASN B 96 -23.99 12.35 -4.32
N ARG B 97 -22.80 11.82 -4.06
CA ARG B 97 -22.63 10.41 -3.75
C ARG B 97 -21.81 10.23 -2.48
N ILE B 98 -22.01 9.10 -1.83
CA ILE B 98 -21.33 8.78 -0.58
C ILE B 98 -20.07 7.98 -0.91
N CYS B 99 -18.93 8.50 -0.52
CA CYS B 99 -17.66 7.80 -0.67
C CYS B 99 -17.35 7.11 0.65
N VAL B 100 -17.18 5.80 0.59
CA VAL B 100 -16.89 5.00 1.77
C VAL B 100 -15.40 4.69 1.77
N LEU B 101 -14.77 4.89 2.92
CA LEU B 101 -13.35 4.63 3.09
C LEU B 101 -13.21 3.49 4.09
N ASP B 102 -12.85 2.31 3.58
CA ASP B 102 -12.54 1.14 4.41
C ASP B 102 -11.05 1.20 4.74
N VAL B 103 -10.71 1.66 5.94
CA VAL B 103 -9.33 1.82 6.37
C VAL B 103 -9.18 1.31 7.80
N ASP B 104 -7.92 1.08 8.20
CA ASP B 104 -7.64 0.64 9.55
C ASP B 104 -7.51 1.87 10.46
N LEU B 105 -7.11 1.62 11.72
CA LEU B 105 -6.97 2.70 12.69
C LEU B 105 -5.97 3.76 12.22
N GLN B 106 -4.83 3.32 11.67
CA GLN B 106 -3.92 4.25 11.01
C GLN B 106 -4.70 5.13 10.04
N GLY B 107 -5.40 4.52 9.08
CA GLY B 107 -6.17 5.27 8.12
C GLY B 107 -7.10 6.29 8.74
N VAL B 108 -7.79 5.89 9.82
CA VAL B 108 -8.63 6.86 10.55
C VAL B 108 -7.80 8.06 10.97
N ARG B 109 -6.58 7.81 11.46
CA ARG B 109 -5.74 8.91 11.93
C ARG B 109 -5.39 9.87 10.79
N ASN B 110 -4.97 9.35 9.63
CA ASN B 110 -4.62 10.26 8.53
C ASN B 110 -5.82 11.11 8.12
N ILE B 111 -7.01 10.50 8.00
CA ILE B 111 -8.19 11.27 7.59
C ILE B 111 -8.56 12.30 8.64
N LYS B 112 -8.32 12.01 9.93
CA LYS B 112 -8.58 12.98 10.98
C LYS B 112 -7.75 14.24 10.79
N ALA B 113 -6.46 14.08 10.49
CA ALA B 113 -5.55 15.22 10.29
C ALA B 113 -5.67 15.76 8.87
N THR B 114 -6.86 16.24 8.54
CA THR B 114 -7.15 16.67 7.18
C THR B 114 -8.46 17.44 7.15
N ASP B 115 -8.71 18.08 6.01
CA ASP B 115 -9.84 18.99 5.83
C ASP B 115 -11.15 18.26 5.55
N LEU B 116 -11.17 16.93 5.53
CA LEU B 116 -12.40 16.19 5.31
C LEU B 116 -13.27 16.16 6.56
N ARG B 117 -14.57 16.01 6.34
CA ARG B 117 -15.57 15.94 7.43
C ARG B 117 -16.41 14.68 7.27
N PRO B 118 -15.81 13.49 7.47
CA PRO B 118 -16.57 12.25 7.27
C PRO B 118 -17.29 11.78 8.53
N ILE B 119 -18.07 10.70 8.40
CA ILE B 119 -18.71 10.02 9.52
C ILE B 119 -17.90 8.79 9.85
N TYR B 120 -17.24 8.81 11.00
CA TYR B 120 -16.38 7.70 11.42
C TYR B 120 -17.22 6.62 12.09
N ILE B 121 -17.26 5.44 11.50
CA ILE B 121 -18.02 4.32 12.02
C ILE B 121 -17.07 3.15 12.25
N SER B 122 -17.15 2.53 13.43
CA SER B 122 -16.39 1.33 13.76
C SER B 122 -17.35 0.18 13.95
N VAL B 123 -17.07 -0.95 13.34
CA VAL B 123 -17.86 -2.18 13.49
C VAL B 123 -17.05 -3.16 14.34
N GLN B 124 -17.54 -3.47 15.54
CA GLN B 124 -16.83 -4.31 16.50
C GLN B 124 -17.51 -5.69 16.66
N PRO B 125 -16.76 -6.70 17.05
CA PRO B 125 -17.36 -8.00 17.35
C PRO B 125 -17.99 -8.01 18.74
N PRO B 126 -18.93 -8.93 19.00
CA PRO B 126 -19.46 -9.03 20.38
C PRO B 126 -18.37 -9.22 21.41
N SER B 127 -17.36 -10.01 21.08
CA SER B 127 -16.27 -10.30 22.02
C SER B 127 -15.11 -10.90 21.23
N LEU B 128 -13.96 -10.97 21.90
CA LEU B 128 -12.80 -11.60 21.29
C LEU B 128 -13.03 -13.09 21.06
N HIS B 129 -13.91 -13.71 21.85
CA HIS B 129 -14.25 -15.12 21.63
C HIS B 129 -15.02 -15.30 20.33
N VAL B 130 -16.00 -14.42 20.08
CA VAL B 130 -16.83 -14.49 18.88
C VAL B 130 -16.04 -14.13 17.64
N LEU B 131 -15.11 -13.18 17.75
CA LEU B 131 -14.28 -12.87 16.59
C LEU B 131 -13.41 -14.06 16.21
N GLU B 132 -12.83 -14.74 17.19
CA GLU B 132 -12.09 -15.96 16.89
C GLU B 132 -12.97 -16.98 16.19
N GLN B 133 -14.19 -17.22 16.72
CA GLN B 133 -15.10 -18.14 16.07
C GLN B 133 -15.33 -17.78 14.62
N ARG B 134 -15.60 -16.49 14.35
CA ARG B 134 -15.89 -16.07 12.98
C ARG B 134 -14.65 -16.06 12.10
N LEU B 135 -13.46 -15.92 12.69
CA LEU B 135 -12.25 -16.08 11.91
C LEU B 135 -11.97 -17.55 11.60
N ARG B 136 -12.26 -18.44 12.56
CA ARG B 136 -12.09 -19.86 12.31
C ARG B 136 -13.05 -20.37 11.23
N GLN B 137 -14.30 -19.89 11.22
CA GLN B 137 -15.26 -20.32 10.21
C GLN B 137 -14.86 -19.89 8.80
N ARG B 138 -14.03 -18.85 8.69
CA ARG B 138 -13.59 -18.33 7.39
C ARG B 138 -12.66 -19.29 6.68
N ASN B 139 -11.99 -20.18 7.40
CA ASN B 139 -11.06 -21.16 6.81
C ASN B 139 -9.98 -20.46 6.01
N THR B 140 -9.41 -19.40 6.56
CA THR B 140 -8.30 -18.67 5.94
C THR B 140 -7.07 -18.55 6.82
N GLU B 141 -7.18 -18.75 8.13
CA GLU B 141 -6.10 -18.46 9.04
C GLU B 141 -5.38 -19.72 9.48
N THR B 142 -4.15 -19.54 9.95
CA THR B 142 -3.43 -20.55 10.71
C THR B 142 -3.44 -20.15 12.18
N GLU B 143 -3.01 -21.09 13.02
CA GLU B 143 -3.01 -20.82 14.45
C GLU B 143 -2.22 -19.57 14.79
N GLU B 144 -1.10 -19.34 14.09
CA GLU B 144 -0.23 -18.20 14.38
C GLU B 144 -0.83 -16.89 13.87
N SER B 145 -1.34 -16.88 12.64
CA SER B 145 -2.00 -15.68 12.14
C SER B 145 -3.24 -15.35 12.94
N LEU B 146 -3.84 -16.37 13.57
CA LEU B 146 -5.05 -16.16 14.36
C LEU B 146 -4.76 -15.33 15.61
N VAL B 147 -3.73 -15.72 16.37
CA VAL B 147 -3.39 -14.94 17.56
C VAL B 147 -2.81 -13.59 17.16
N LYS B 148 -2.22 -13.49 15.97
CA LYS B 148 -1.76 -12.19 15.50
C LYS B 148 -2.94 -11.25 15.28
N ARG B 149 -3.96 -11.71 14.57
CA ARG B 149 -5.14 -10.88 14.34
C ARG B 149 -5.86 -10.58 15.66
N LEU B 150 -6.04 -11.58 16.51
CA LEU B 150 -6.73 -11.36 17.77
C LEU B 150 -6.04 -10.29 18.61
N ALA B 151 -4.71 -10.29 18.63
CA ALA B 151 -4.00 -9.27 19.38
C ALA B 151 -4.17 -7.90 18.73
N ALA B 152 -4.16 -7.84 17.40
CA ALA B 152 -4.36 -6.58 16.70
C ALA B 152 -5.78 -6.06 16.89
N ALA B 153 -6.76 -6.97 16.90
CA ALA B 153 -8.14 -6.59 17.14
C ALA B 153 -8.34 -6.09 18.56
N GLN B 154 -7.60 -6.66 19.52
CA GLN B 154 -7.75 -6.23 20.91
C GLN B 154 -7.37 -4.77 21.07
N ALA B 155 -6.30 -4.35 20.38
CA ALA B 155 -5.90 -2.95 20.40
C ALA B 155 -6.96 -2.07 19.76
N ASP B 156 -7.52 -2.52 18.63
CA ASP B 156 -8.54 -1.74 17.94
C ASP B 156 -9.78 -1.57 18.80
N MET B 157 -10.19 -2.63 19.50
CA MET B 157 -11.34 -2.54 20.38
C MET B 157 -11.06 -1.63 21.57
N GLU B 158 -9.82 -1.64 22.08
CA GLU B 158 -9.48 -0.75 23.19
C GLU B 158 -9.39 0.70 22.72
N SER B 159 -8.80 0.93 21.54
CA SER B 159 -8.67 2.28 20.98
C SER B 159 -9.99 2.85 20.51
N SER B 160 -10.99 2.01 20.24
CA SER B 160 -12.30 2.54 19.88
C SER B 160 -12.92 3.35 21.02
N LYS B 161 -12.38 3.26 22.23
CA LYS B 161 -12.91 4.00 23.37
C LYS B 161 -12.42 5.44 23.43
N GLU B 162 -11.49 5.84 22.56
CA GLU B 162 -11.00 7.21 22.55
C GLU B 162 -12.13 8.18 22.28
N PRO B 163 -12.35 9.18 23.13
CA PRO B 163 -13.45 10.11 22.93
C PRO B 163 -13.33 10.87 21.61
N GLY B 164 -14.48 11.10 20.98
CA GLY B 164 -14.51 11.81 19.71
C GLY B 164 -13.84 11.10 18.56
N LEU B 165 -13.45 9.84 18.73
CA LEU B 165 -12.80 9.13 17.64
C LEU B 165 -13.82 8.60 16.63
N PHE B 166 -14.82 7.85 17.10
CA PHE B 166 -15.86 7.29 16.23
C PHE B 166 -17.20 7.92 16.59
N ASP B 167 -17.94 8.34 15.57
CA ASP B 167 -19.28 8.87 15.81
C ASP B 167 -20.21 7.78 16.35
N VAL B 168 -20.24 6.62 15.68
CA VAL B 168 -21.04 5.50 16.14
C VAL B 168 -20.20 4.23 16.09
N VAL B 169 -20.35 3.40 17.11
CA VAL B 169 -19.68 2.11 17.21
C VAL B 169 -20.76 1.04 17.15
N ILE B 170 -20.71 0.19 16.13
CA ILE B 170 -21.73 -0.82 15.89
C ILE B 170 -21.19 -2.17 16.34
N ILE B 171 -21.99 -2.92 17.09
CA ILE B 171 -21.64 -4.26 17.50
C ILE B 171 -22.33 -5.25 16.58
N ASN B 172 -21.56 -6.18 16.03
CA ASN B 172 -22.08 -7.14 15.05
C ASN B 172 -22.47 -8.43 15.76
N ASP B 173 -23.63 -8.38 16.43
CA ASP B 173 -24.23 -9.60 16.96
C ASP B 173 -24.73 -10.48 15.83
N SER B 174 -25.53 -9.91 14.94
CA SER B 174 -25.96 -10.57 13.72
C SER B 174 -25.83 -9.59 12.57
N LEU B 175 -25.44 -10.11 11.40
CA LEU B 175 -25.16 -9.24 10.26
C LEU B 175 -26.37 -8.39 9.90
N ASP B 176 -27.58 -8.97 9.94
CA ASP B 176 -28.77 -8.18 9.66
C ASP B 176 -28.96 -7.05 10.68
N GLN B 177 -28.61 -7.31 11.94
CA GLN B 177 -28.73 -6.28 12.97
C GLN B 177 -27.74 -5.15 12.74
N ALA B 178 -26.47 -5.50 12.50
CA ALA B 178 -25.45 -4.48 12.27
C ALA B 178 -25.72 -3.70 10.99
N TYR B 179 -26.22 -4.38 9.94
CA TYR B 179 -26.56 -3.69 8.70
C TYR B 179 -27.68 -2.68 8.91
N ALA B 180 -28.68 -3.03 9.71
CA ALA B 180 -29.76 -2.09 10.00
C ALA B 180 -29.23 -0.86 10.73
N GLU B 181 -28.32 -1.07 11.68
CA GLU B 181 -27.75 0.06 12.42
C GLU B 181 -26.86 0.90 11.51
N LEU B 182 -26.14 0.26 10.58
CA LEU B 182 -25.32 1.02 9.65
C LEU B 182 -26.18 1.86 8.71
N LYS B 183 -27.30 1.31 8.24
CA LYS B 183 -28.18 2.09 7.37
C LYS B 183 -28.89 3.19 8.15
N GLU B 184 -29.21 2.93 9.43
CA GLU B 184 -29.84 3.98 10.24
C GLU B 184 -28.85 5.07 10.59
N ALA B 185 -27.56 4.72 10.67
CA ALA B 185 -26.53 5.73 10.94
C ALA B 185 -26.23 6.62 9.75
N LEU B 186 -26.51 6.17 8.52
CA LEU B 186 -26.22 6.95 7.32
C LEU B 186 -27.48 7.50 6.65
N SER B 187 -28.62 7.42 7.33
CA SER B 187 -29.91 7.75 6.71
C SER B 187 -29.90 9.15 6.09
N GLU B 188 -29.43 10.15 6.83
CA GLU B 188 -29.43 11.50 6.29
C GLU B 188 -28.60 11.58 5.02
N GLU B 189 -27.45 10.88 4.99
CA GLU B 189 -26.57 10.96 3.82
C GLU B 189 -27.19 10.27 2.62
N ILE B 190 -27.87 9.12 2.81
CA ILE B 190 -28.59 8.54 1.68
C ILE B 190 -29.72 9.45 1.23
N LYS B 191 -30.42 10.05 2.19
CA LYS B 191 -31.51 10.95 1.83
C LYS B 191 -31.02 12.10 0.96
N LYS B 192 -29.86 12.69 1.29
CA LYS B 192 -29.32 13.75 0.46
C LYS B 192 -28.88 13.22 -0.89
N ALA B 193 -28.28 12.04 -0.93
CA ALA B 193 -27.80 11.47 -2.19
C ALA B 193 -28.96 11.13 -3.13
N GLN B 194 -30.08 10.67 -2.57
CA GLN B 194 -31.22 10.29 -3.38
C GLN B 194 -31.98 11.49 -3.93
N ARG B 195 -31.73 12.69 -3.41
CA ARG B 195 -32.37 13.91 -3.90
C ARG B 195 -31.67 14.41 -5.17
C1 GOL C . -1.82 -22.10 -2.62
O1 GOL C . -1.70 -21.15 -3.64
C2 GOL C . -0.91 -21.62 -1.46
O2 GOL C . -1.58 -21.51 -0.25
C3 GOL C . 0.29 -22.63 -1.41
O3 GOL C . 1.19 -22.18 -0.42
C1 GOL D . -8.07 -23.72 21.66
O1 GOL D . -7.23 -24.17 20.63
C2 GOL D . -8.26 -22.19 21.44
O2 GOL D . -9.36 -21.71 22.12
C3 GOL D . -6.93 -21.56 21.92
O3 GOL D . -5.93 -21.96 21.02
#